data_7Y96
#
_entry.id   7Y96
#
_cell.length_a   82.020
_cell.length_b   82.020
_cell.length_c   427.841
_cell.angle_alpha   90.000
_cell.angle_beta   90.000
_cell.angle_gamma   120.000
#
_symmetry.space_group_name_H-M   'P 61 2 2'
#
_entity_poly.entity_id   1
_entity_poly.type   'polypeptide(L)'
_entity_poly.pdbx_seq_one_letter_code
;MSKGEELFTGVVPILVELDGDVNGHKFSVRGEGEGDATNGKLTLKFICTTGKLPVPWPTLVTTL(CRO)VQCFSRYPDHM
KRHDFFKSAMPEGYVQERTISFKDDGTYKTRAEVKFEGDTLVNRIELKGIDFKEDGNILGHKLEYNVDTMESNCLLNVPI
GGTTVVRPLVEDSTSVTAVVTDGYLKMAGMHFGACDFQRLPSEVTVAKPNVLIALKMIKRQAYGTNSGVAIYHRYKAGNA
AANSHNVYITADKQKNGIKANFKIRHNVEDGSVQLADHYQQNTPIGDGPVLLPDNHYLSTQSVLSKDPNEKRDHMVLLEF
VTAAGITENLYFQGHHHHHHHHHH
;
_entity_poly.pdbx_strand_id   A,B
#
# COMPACT_ATOMS: atom_id res chain seq x y z
N SER A 2 -0.21 -24.89 -4.86
CA SER A 2 -0.72 -23.70 -5.54
C SER A 2 0.40 -22.69 -5.79
N LYS A 3 0.42 -22.12 -6.99
CA LYS A 3 1.36 -21.06 -7.29
C LYS A 3 1.02 -19.82 -6.47
N GLY A 4 2.04 -19.04 -6.14
CA GLY A 4 1.89 -17.94 -5.22
C GLY A 4 2.18 -18.28 -3.78
N GLU A 5 2.11 -19.56 -3.39
CA GLU A 5 2.60 -19.95 -2.08
C GLU A 5 4.11 -20.13 -2.08
N GLU A 6 4.73 -20.23 -3.25
CA GLU A 6 6.17 -20.42 -3.33
C GLU A 6 6.92 -19.22 -2.74
N LEU A 7 6.34 -18.01 -2.80
CA LEU A 7 7.02 -16.87 -2.20
C LEU A 7 7.05 -16.93 -0.68
N PHE A 8 6.39 -17.92 -0.07
CA PHE A 8 6.45 -18.13 1.37
C PHE A 8 7.37 -19.29 1.74
N THR A 9 8.21 -19.76 0.80
CA THR A 9 9.14 -20.83 1.12
C THR A 9 10.18 -20.39 2.15
N GLY A 10 10.65 -19.15 2.04
CA GLY A 10 11.63 -18.61 2.94
C GLY A 10 11.03 -17.64 3.95
N VAL A 11 11.90 -16.85 4.56
CA VAL A 11 11.47 -15.83 5.52
C VAL A 11 11.02 -14.59 4.76
N VAL A 12 9.91 -14.01 5.21
CA VAL A 12 9.30 -12.86 4.55
C VAL A 12 9.26 -11.71 5.53
N PRO A 13 9.74 -10.52 5.15
CA PRO A 13 9.61 -9.35 6.04
C PRO A 13 8.17 -8.90 6.14
N ILE A 14 7.77 -8.49 7.35
CA ILE A 14 6.40 -8.12 7.65
C ILE A 14 6.39 -6.67 8.15
N LEU A 15 5.47 -5.88 7.60
CA LEU A 15 5.17 -4.53 8.07
C LEU A 15 3.67 -4.43 8.32
N VAL A 16 3.29 -4.00 9.52
CA VAL A 16 1.90 -3.87 9.92
C VAL A 16 1.63 -2.41 10.27
N GLU A 17 0.54 -1.87 9.73
CA GLU A 17 0.14 -0.49 9.97
C GLU A 17 -1.34 -0.47 10.33
N LEU A 18 -1.65 0.03 11.53
CA LEU A 18 -3.04 0.08 12.00
C LEU A 18 -3.36 1.50 12.45
N ASP A 19 -4.51 2.01 12.03
CA ASP A 19 -5.06 3.26 12.54
C ASP A 19 -6.36 2.96 13.26
N GLY A 20 -6.42 3.26 14.55
CA GLY A 20 -7.59 2.96 15.35
C GLY A 20 -8.08 4.19 16.09
N ASP A 21 -9.39 4.23 16.29
CA ASP A 21 -10.01 5.24 17.15
C ASP A 21 -11.09 4.54 17.98
N VAL A 22 -10.84 4.41 19.27
CA VAL A 22 -11.72 3.69 20.18
C VAL A 22 -12.31 4.69 21.16
N ASN A 23 -13.62 4.89 21.07
CA ASN A 23 -14.37 5.77 21.96
C ASN A 23 -13.76 7.17 22.01
N GLY A 24 -13.39 7.68 20.85
CA GLY A 24 -12.79 8.99 20.74
C GLY A 24 -11.31 9.07 21.05
N HIS A 25 -10.66 7.94 21.34
CA HIS A 25 -9.21 7.91 21.55
C HIS A 25 -8.56 7.47 20.25
N LYS A 26 -7.81 8.38 19.62
CA LYS A 26 -7.14 8.09 18.38
C LYS A 26 -5.72 7.58 18.64
N PHE A 27 -5.32 6.55 17.91
CA PHE A 27 -3.98 6.02 18.01
C PHE A 27 -3.62 5.32 16.70
N SER A 28 -2.33 5.07 16.53
CA SER A 28 -1.84 4.35 15.37
C SER A 28 -0.67 3.49 15.81
N VAL A 29 -0.66 2.24 15.34
CA VAL A 29 0.36 1.27 15.70
C VAL A 29 1.10 0.85 14.43
N ARG A 30 2.42 0.78 14.53
CA ARG A 30 3.24 0.30 13.42
C ARG A 30 4.17 -0.78 13.95
N GLY A 31 4.23 -1.90 13.24
CA GLY A 31 5.04 -3.02 13.66
C GLY A 31 5.83 -3.57 12.51
N GLU A 32 6.99 -4.12 12.84
CA GLU A 32 7.85 -4.72 11.82
C GLU A 32 8.47 -6.00 12.36
N GLY A 33 8.80 -6.89 11.44
CA GLY A 33 9.45 -8.13 11.83
C GLY A 33 9.57 -9.09 10.65
N GLU A 34 9.52 -10.38 10.97
CA GLU A 34 9.61 -11.37 9.91
C GLU A 34 8.82 -12.62 10.26
N GLY A 35 8.34 -13.28 9.21
CA GLY A 35 7.59 -14.51 9.36
C GLY A 35 8.18 -15.63 8.53
N ASP A 36 8.28 -16.81 9.14
CA ASP A 36 8.75 -18.03 8.48
C ASP A 36 7.53 -18.95 8.40
N ALA A 37 6.94 -19.03 7.20
CA ALA A 37 5.75 -19.86 7.01
C ALA A 37 6.05 -21.36 7.10
N THR A 38 7.31 -21.77 6.99
CA THR A 38 7.64 -23.19 7.03
C THR A 38 7.26 -23.81 8.36
N ASN A 39 7.60 -23.16 9.47
CA ASN A 39 7.27 -23.64 10.80
C ASN A 39 6.16 -22.84 11.47
N GLY A 40 5.59 -21.84 10.79
CA GLY A 40 4.64 -20.96 11.43
C GLY A 40 5.24 -19.90 12.32
N LYS A 41 6.55 -19.67 12.23
CA LYS A 41 7.23 -18.71 13.08
C LYS A 41 6.81 -17.29 12.71
N LEU A 42 6.54 -16.48 13.73
CA LEU A 42 6.28 -15.05 13.55
C LEU A 42 7.00 -14.30 14.65
N THR A 43 7.93 -13.42 14.28
CA THR A 43 8.63 -12.58 15.26
C THR A 43 8.39 -11.14 14.85
N LEU A 44 7.63 -10.40 15.66
CA LEU A 44 7.26 -9.03 15.32
C LEU A 44 7.46 -8.12 16.53
N LYS A 45 7.68 -6.84 16.25
CA LYS A 45 7.73 -5.81 17.28
C LYS A 45 6.79 -4.68 16.87
N PHE A 46 5.86 -4.33 17.77
CA PHE A 46 4.86 -3.30 17.52
C PHE A 46 5.10 -2.10 18.43
N ILE A 47 4.88 -0.90 17.90
CA ILE A 47 5.04 0.36 18.61
C ILE A 47 3.84 1.25 18.36
N CYS A 48 3.31 1.85 19.43
CA CYS A 48 2.28 2.87 19.30
C CYS A 48 2.92 4.19 18.86
N THR A 49 2.58 4.66 17.66
CA THR A 49 3.21 5.87 17.14
C THR A 49 2.75 7.11 17.88
N THR A 50 1.49 7.15 18.30
CA THR A 50 0.99 8.32 19.02
C THR A 50 1.60 8.44 20.41
N GLY A 51 2.00 7.33 21.02
CA GLY A 51 2.52 7.41 22.37
C GLY A 51 1.54 6.79 23.35
N LYS A 52 0.41 7.45 23.54
CA LYS A 52 -0.60 7.01 24.50
C LYS A 52 -1.38 5.83 23.95
N LEU A 53 -1.40 4.74 24.72
CA LEU A 53 -2.09 3.51 24.32
C LEU A 53 -3.50 3.50 24.88
N PRO A 54 -4.54 3.57 24.04
CA PRO A 54 -5.90 3.55 24.60
C PRO A 54 -6.31 2.19 25.13
N VAL A 55 -6.00 1.12 24.42
CA VAL A 55 -6.43 -0.24 24.78
C VAL A 55 -5.18 -1.06 25.04
N PRO A 56 -5.30 -2.15 25.80
CA PRO A 56 -4.14 -3.01 26.05
C PRO A 56 -3.82 -3.85 24.83
N TRP A 57 -2.52 -4.12 24.65
CA TRP A 57 -2.04 -4.91 23.51
C TRP A 57 -2.81 -6.21 23.28
N PRO A 58 -3.09 -7.05 24.30
CA PRO A 58 -3.72 -8.35 24.01
C PRO A 58 -5.04 -8.25 23.25
N THR A 59 -5.82 -7.18 23.42
CA THR A 59 -7.08 -7.08 22.70
C THR A 59 -6.86 -7.04 21.20
N LEU A 60 -5.84 -6.34 20.75
CA LEU A 60 -5.58 -6.17 19.32
C LEU A 60 -4.49 -7.09 18.78
N VAL A 61 -3.87 -7.93 19.64
CA VAL A 61 -2.88 -8.89 19.14
C VAL A 61 -3.45 -9.70 17.99
N THR A 62 -4.68 -10.20 18.14
CA THR A 62 -5.31 -10.93 17.05
C THR A 62 -5.54 -10.01 15.85
N THR A 63 -6.04 -8.80 16.11
CA THR A 63 -6.35 -7.87 15.02
C THR A 63 -5.08 -7.42 14.29
N LEU A 64 -3.98 -7.26 15.01
CA LEU A 64 -2.72 -6.86 14.38
C LEU A 64 -2.24 -7.92 13.39
N VAL A 66 -1.96 -11.61 9.65
CA VAL A 66 -1.02 -12.20 8.70
C VAL A 66 -1.08 -13.72 8.79
N GLN A 67 -2.31 -14.26 8.75
CA GLN A 67 -2.52 -15.70 8.86
C GLN A 67 -1.96 -16.48 7.67
N CYS A 68 -1.40 -15.80 6.67
CA CYS A 68 -0.76 -16.51 5.57
C CYS A 68 0.47 -17.27 6.05
N PHE A 69 1.11 -16.79 7.12
CA PHE A 69 2.27 -17.46 7.70
C PHE A 69 1.90 -18.67 8.54
N SER A 70 0.61 -18.97 8.67
CA SER A 70 0.19 -20.19 9.36
C SER A 70 0.76 -21.42 8.64
N ARG A 71 1.33 -22.34 9.42
CA ARG A 71 1.91 -23.54 8.85
C ARG A 71 0.79 -24.52 8.49
N TYR A 72 0.64 -24.81 7.20
CA TYR A 72 -0.31 -25.81 6.74
C TYR A 72 0.45 -27.07 6.42
N PRO A 73 0.18 -28.19 7.09
CA PRO A 73 0.88 -29.44 6.76
C PRO A 73 0.59 -29.86 5.32
N ASP A 74 1.36 -30.84 4.85
CA ASP A 74 1.31 -31.20 3.44
C ASP A 74 -0.06 -31.70 3.03
N HIS A 75 -0.69 -32.55 3.86
CA HIS A 75 -1.93 -33.19 3.45
C HIS A 75 -3.07 -32.19 3.28
N MET A 76 -3.01 -31.04 3.93
CA MET A 76 -4.00 -29.99 3.77
C MET A 76 -3.47 -28.77 3.00
N LYS A 77 -2.35 -28.95 2.27
CA LYS A 77 -1.80 -27.83 1.52
C LYS A 77 -2.75 -27.32 0.44
N ARG A 78 -3.77 -28.10 0.08
CA ARG A 78 -4.79 -27.69 -0.87
C ARG A 78 -5.91 -26.89 -0.22
N HIS A 79 -5.80 -26.57 1.07
CA HIS A 79 -6.81 -25.82 1.79
C HIS A 79 -6.32 -24.46 2.30
N ASP A 80 -5.08 -24.10 2.01
CA ASP A 80 -4.54 -22.82 2.48
C ASP A 80 -5.01 -21.70 1.56
N PHE A 81 -6.09 -21.02 1.95
CA PHE A 81 -6.62 -19.91 1.17
C PHE A 81 -5.69 -18.70 1.20
N PHE A 82 -5.02 -18.48 2.33
CA PHE A 82 -4.28 -17.23 2.54
C PHE A 82 -3.16 -17.06 1.54
N LYS A 83 -2.24 -18.03 1.47
CA LYS A 83 -1.13 -17.91 0.53
C LYS A 83 -1.59 -18.08 -0.91
N SER A 84 -2.75 -18.69 -1.14
CA SER A 84 -3.26 -18.80 -2.51
C SER A 84 -3.79 -17.46 -2.99
N ALA A 85 -4.28 -16.61 -2.09
CA ALA A 85 -4.69 -15.27 -2.49
C ALA A 85 -3.51 -14.40 -2.87
N MET A 86 -2.33 -14.67 -2.30
CA MET A 86 -1.14 -13.90 -2.60
C MET A 86 -0.68 -14.17 -4.03
N PRO A 87 0.12 -13.26 -4.61
CA PRO A 87 0.69 -12.02 -4.07
C PRO A 87 -0.27 -10.83 -4.14
N GLU A 88 -1.42 -11.01 -4.79
CA GLU A 88 -2.39 -9.92 -4.88
C GLU A 88 -2.97 -9.58 -3.50
N GLY A 89 -3.12 -10.57 -2.63
CA GLY A 89 -3.55 -10.33 -1.27
C GLY A 89 -5.02 -10.61 -1.07
N TYR A 90 -5.47 -10.37 0.16
CA TYR A 90 -6.88 -10.50 0.51
C TYR A 90 -7.27 -9.39 1.48
N VAL A 91 -8.57 -9.32 1.75
CA VAL A 91 -9.15 -8.38 2.69
C VAL A 91 -9.79 -9.17 3.82
N GLN A 92 -9.50 -8.77 5.05
CA GLN A 92 -9.92 -9.45 6.27
C GLN A 92 -10.81 -8.51 7.06
N GLU A 93 -12.09 -8.86 7.21
CA GLU A 93 -13.05 -8.07 7.97
C GLU A 93 -13.36 -8.79 9.27
N ARG A 94 -13.23 -8.08 10.40
CA ARG A 94 -13.45 -8.66 11.71
C ARG A 94 -14.45 -7.85 12.52
N THR A 95 -15.24 -8.56 13.32
CA THR A 95 -16.10 -8.00 14.35
C THR A 95 -15.81 -8.77 15.63
N ILE A 96 -15.32 -8.06 16.63
CA ILE A 96 -14.90 -8.65 17.90
C ILE A 96 -15.80 -8.11 19.00
N SER A 97 -16.67 -8.96 19.53
CA SER A 97 -17.59 -8.55 20.58
C SER A 97 -17.01 -8.91 21.95
N PHE A 98 -16.78 -7.89 22.78
CA PHE A 98 -16.27 -8.10 24.12
C PHE A 98 -17.43 -8.25 25.10
N LYS A 99 -17.44 -9.34 25.86
CA LYS A 99 -18.53 -9.60 26.79
C LYS A 99 -18.66 -8.46 27.80
N ASP A 100 -19.89 -7.95 27.94
CA ASP A 100 -20.19 -6.88 28.89
C ASP A 100 -19.39 -5.62 28.54
N ASP A 101 -19.26 -5.37 27.25
CA ASP A 101 -18.55 -4.23 26.70
C ASP A 101 -18.97 -4.11 25.24
N GLY A 102 -18.36 -3.17 24.53
CA GLY A 102 -18.71 -2.89 23.16
C GLY A 102 -18.08 -3.86 22.19
N THR A 103 -17.95 -3.42 20.94
CA THR A 103 -17.38 -4.24 19.88
C THR A 103 -16.32 -3.47 19.11
N TYR A 104 -15.35 -4.23 18.58
CA TYR A 104 -14.39 -3.76 17.59
C TYR A 104 -14.92 -4.11 16.22
N LYS A 105 -14.77 -3.18 15.28
CA LYS A 105 -14.99 -3.45 13.87
C LYS A 105 -13.73 -3.05 13.12
N THR A 106 -13.13 -4.01 12.43
CA THR A 106 -11.83 -3.83 11.79
C THR A 106 -11.87 -4.29 10.35
N ARG A 107 -11.21 -3.55 9.48
CA ARG A 107 -11.03 -3.92 8.08
C ARG A 107 -9.56 -3.81 7.73
N ALA A 108 -8.99 -4.90 7.21
CA ALA A 108 -7.57 -4.92 6.89
C ALA A 108 -7.34 -5.46 5.49
N GLU A 109 -6.27 -4.98 4.87
CA GLU A 109 -5.77 -5.51 3.61
C GLU A 109 -4.42 -6.15 3.87
N VAL A 110 -4.28 -7.42 3.51
CA VAL A 110 -3.04 -8.16 3.61
C VAL A 110 -2.55 -8.40 2.19
N LYS A 111 -1.47 -7.73 1.81
CA LYS A 111 -1.00 -7.80 0.44
C LYS A 111 0.53 -7.81 0.42
N PHE A 112 1.08 -7.97 -0.78
CA PHE A 112 2.52 -7.94 -0.99
C PHE A 112 2.91 -6.62 -1.64
N GLU A 113 3.80 -5.88 -0.99
CA GLU A 113 4.43 -4.71 -1.58
C GLU A 113 5.87 -5.08 -1.88
N GLY A 114 6.17 -5.30 -3.16
CA GLY A 114 7.47 -5.81 -3.52
C GLY A 114 7.68 -7.17 -2.88
N ASP A 115 8.81 -7.31 -2.18
CA ASP A 115 9.12 -8.53 -1.46
C ASP A 115 8.71 -8.48 0.01
N THR A 116 8.04 -7.42 0.43
CA THR A 116 7.57 -7.29 1.81
C THR A 116 6.07 -7.58 1.87
N LEU A 117 5.63 -8.00 3.06
CA LEU A 117 4.22 -8.32 3.31
C LEU A 117 3.61 -7.22 4.17
N VAL A 118 2.69 -6.45 3.58
CA VAL A 118 2.09 -5.30 4.24
C VAL A 118 0.69 -5.66 4.71
N ASN A 119 0.38 -5.32 5.95
CA ASN A 119 -0.93 -5.55 6.55
C ASN A 119 -1.44 -4.22 7.09
N ARG A 120 -2.44 -3.63 6.42
CA ARG A 120 -2.96 -2.31 6.76
C ARG A 120 -4.36 -2.44 7.33
N ILE A 121 -4.60 -1.84 8.50
CA ILE A 121 -5.83 -2.06 9.26
C ILE A 121 -6.47 -0.72 9.62
N GLU A 122 -7.80 -0.68 9.55
CA GLU A 122 -8.63 0.35 10.16
C GLU A 122 -9.47 -0.30 11.24
N LEU A 123 -9.34 0.18 12.47
CA LEU A 123 -10.01 -0.39 13.62
C LEU A 123 -10.86 0.69 14.30
N LYS A 124 -12.08 0.32 14.70
CA LYS A 124 -12.92 1.26 15.43
C LYS A 124 -13.68 0.57 16.55
N GLY A 125 -13.70 1.22 17.70
CA GLY A 125 -14.41 0.74 18.88
C GLY A 125 -15.67 1.60 19.06
N ILE A 126 -16.77 0.92 19.35
CA ILE A 126 -18.10 1.52 19.20
C ILE A 126 -18.65 2.02 20.54
N ASP A 127 -18.71 1.15 21.54
CA ASP A 127 -19.33 1.53 22.81
C ASP A 127 -18.63 0.81 23.96
N PHE A 128 -17.36 1.13 24.15
CA PHE A 128 -16.55 0.52 25.20
C PHE A 128 -16.60 1.38 26.44
N LYS A 129 -16.92 0.76 27.58
CA LYS A 129 -16.98 1.49 28.84
C LYS A 129 -15.63 2.10 29.17
N GLU A 130 -15.63 3.39 29.53
CA GLU A 130 -14.36 4.07 29.82
C GLU A 130 -13.65 3.44 31.01
N ASP A 131 -14.42 3.01 32.02
CA ASP A 131 -13.87 2.24 33.12
C ASP A 131 -14.28 0.79 32.87
N GLY A 132 -13.33 0.01 32.38
CA GLY A 132 -13.57 -1.40 32.10
C GLY A 132 -12.23 -2.08 31.93
N ASN A 133 -12.30 -3.41 31.78
CA ASN A 133 -11.07 -4.18 31.61
C ASN A 133 -10.32 -3.73 30.36
N ILE A 134 -11.05 -3.36 29.31
CA ILE A 134 -10.42 -2.94 28.05
C ILE A 134 -9.72 -1.61 28.24
N LEU A 135 -10.50 -0.55 28.49
CA LEU A 135 -9.89 0.78 28.56
C LEU A 135 -9.08 0.98 29.84
N GLY A 136 -9.33 0.19 30.87
CA GLY A 136 -8.54 0.29 32.09
C GLY A 136 -7.25 -0.49 32.11
N HIS A 137 -6.87 -1.12 30.99
CA HIS A 137 -5.65 -1.93 30.90
C HIS A 137 -5.59 -3.00 31.99
N LYS A 138 -6.76 -3.52 32.39
CA LYS A 138 -6.82 -4.53 33.42
C LYS A 138 -6.41 -5.92 32.95
N LEU A 139 -6.24 -6.13 31.63
CA LEU A 139 -5.87 -7.44 31.15
C LEU A 139 -4.41 -7.74 31.49
N GLU A 140 -4.11 -9.03 31.64
CA GLU A 140 -2.89 -9.50 32.28
C GLU A 140 -1.74 -9.72 31.29
N TYR A 141 -1.72 -8.99 30.19
CA TYR A 141 -0.67 -9.13 29.18
C TYR A 141 -0.58 -10.57 28.68
N ASN A 142 -1.73 -11.19 28.49
CA ASN A 142 -1.85 -12.57 28.03
C ASN A 142 -2.86 -12.65 26.91
N VAL A 143 -2.53 -13.43 25.89
CA VAL A 143 -3.44 -13.59 24.75
C VAL A 143 -4.68 -14.37 25.18
N ASP A 144 -4.49 -15.61 25.62
CA ASP A 144 -5.59 -16.47 26.04
C ASP A 144 -5.27 -17.09 27.39
N THR A 145 -6.32 -17.49 28.11
CA THR A 145 -6.14 -18.06 29.44
C THR A 145 -5.57 -19.46 29.38
N MET A 146 -5.80 -20.17 28.27
CA MET A 146 -5.27 -21.53 28.12
C MET A 146 -3.83 -21.54 27.64
N GLU A 147 -3.29 -20.39 27.23
CA GLU A 147 -1.92 -20.31 26.74
C GLU A 147 -0.95 -20.10 27.89
N SER A 148 0.05 -20.97 28.00
CA SER A 148 1.20 -20.69 28.84
C SER A 148 2.14 -19.75 28.11
N ASN A 149 2.46 -18.61 28.76
CA ASN A 149 3.34 -17.62 28.15
C ASN A 149 4.81 -18.00 28.23
N CYS A 150 5.12 -19.27 28.53
CA CYS A 150 6.48 -19.73 28.66
C CYS A 150 7.07 -20.13 27.31
N LEU A 151 8.39 -20.21 27.27
CA LEU A 151 9.14 -20.72 26.14
C LEU A 151 9.79 -22.04 26.51
N LEU A 152 9.98 -22.90 25.52
CA LEU A 152 10.61 -24.20 25.69
C LEU A 152 11.78 -24.28 24.72
N ASN A 153 12.99 -24.46 25.25
CA ASN A 153 14.21 -24.49 24.46
C ASN A 153 14.77 -25.91 24.46
N VAL A 154 14.87 -26.51 23.29
CA VAL A 154 15.42 -27.84 23.10
C VAL A 154 16.79 -27.70 22.45
N PRO A 155 17.88 -28.08 23.12
CA PRO A 155 19.19 -28.08 22.47
C PRO A 155 19.30 -29.21 21.47
N ILE A 156 19.51 -28.87 20.20
CA ILE A 156 19.68 -29.83 19.13
C ILE A 156 20.90 -29.41 18.31
N GLY A 157 21.85 -30.35 18.14
CA GLY A 157 23.01 -30.12 17.31
C GLY A 157 23.79 -28.86 17.61
N GLY A 158 23.84 -28.47 18.89
CA GLY A 158 24.58 -27.29 19.30
C GLY A 158 23.80 -26.00 19.33
N THR A 159 22.55 -25.98 18.87
CA THR A 159 21.73 -24.78 18.88
C THR A 159 20.38 -25.07 19.53
N THR A 160 19.89 -24.12 20.33
CA THR A 160 18.61 -24.28 21.01
C THR A 160 17.47 -23.81 20.11
N VAL A 161 16.44 -24.64 20.00
CA VAL A 161 15.21 -24.30 19.28
C VAL A 161 14.15 -23.92 20.30
N VAL A 162 13.54 -22.76 20.14
CA VAL A 162 12.61 -22.20 21.12
C VAL A 162 11.21 -22.21 20.52
N ARG A 163 10.27 -22.83 21.24
CA ARG A 163 8.88 -22.91 20.81
C ARG A 163 7.98 -22.70 22.01
N PRO A 164 6.74 -22.24 21.80
CA PRO A 164 5.81 -22.10 22.91
C PRO A 164 5.52 -23.44 23.57
N LEU A 165 5.20 -23.40 24.86
CA LEU A 165 5.05 -24.61 25.67
C LEU A 165 3.57 -24.96 25.85
N VAL A 166 3.19 -26.14 25.36
CA VAL A 166 1.84 -26.69 25.55
C VAL A 166 1.93 -27.85 26.55
N GLU A 167 0.81 -28.17 27.18
CA GLU A 167 0.69 -29.39 27.98
C GLU A 167 0.16 -30.51 27.09
N ASP A 168 0.98 -31.55 26.90
CA ASP A 168 0.62 -32.65 26.01
C ASP A 168 0.06 -33.87 26.73
N SER A 169 0.10 -33.92 28.06
CA SER A 169 -0.35 -35.08 28.80
C SER A 169 -0.36 -34.76 30.29
N THR A 170 -0.94 -35.67 31.07
CA THR A 170 -1.06 -35.55 32.51
C THR A 170 -0.01 -36.41 33.20
N SER A 171 0.60 -35.86 34.25
CA SER A 171 1.68 -36.50 34.96
C SER A 171 1.56 -36.19 36.44
N VAL A 172 1.72 -37.22 37.27
CA VAL A 172 1.59 -37.09 38.72
C VAL A 172 2.81 -37.73 39.37
N THR A 173 3.40 -37.03 40.34
CA THR A 173 4.56 -37.52 41.07
C THR A 173 4.15 -37.94 42.47
N ALA A 174 4.72 -39.06 42.93
CA ALA A 174 4.42 -39.62 44.24
C ALA A 174 5.69 -39.61 45.08
N VAL A 175 5.58 -39.18 46.34
CA VAL A 175 6.71 -39.12 47.26
C VAL A 175 6.34 -39.91 48.51
N VAL A 176 7.07 -41.00 48.76
CA VAL A 176 6.88 -41.83 49.94
C VAL A 176 8.02 -41.51 50.91
N THR A 177 7.67 -41.14 52.14
CA THR A 177 8.64 -40.87 53.19
C THR A 177 8.33 -41.77 54.38
N ASP A 178 9.26 -42.67 54.70
CA ASP A 178 9.18 -43.53 55.88
C ASP A 178 7.84 -44.26 55.95
N GLY A 179 7.31 -44.63 54.79
CA GLY A 179 6.09 -45.40 54.74
C GLY A 179 4.81 -44.61 54.63
N TYR A 180 4.87 -43.30 54.42
CA TYR A 180 3.67 -42.49 54.21
C TYR A 180 3.76 -41.79 52.86
N LEU A 181 2.67 -41.81 52.11
CA LEU A 181 2.66 -41.37 50.72
C LEU A 181 1.98 -40.02 50.57
N LYS A 182 2.60 -39.14 49.80
CA LYS A 182 2.01 -37.87 49.39
C LYS A 182 2.05 -37.83 47.88
N MET A 183 0.86 -37.80 47.27
CA MET A 183 0.68 -37.81 45.83
C MET A 183 -0.15 -36.61 45.43
N ALA A 184 0.37 -35.80 44.49
CA ALA A 184 -0.30 -34.63 43.96
C ALA A 184 -0.88 -33.78 45.10
N GLY A 185 0.03 -33.34 45.98
CA GLY A 185 -0.34 -32.48 47.10
C GLY A 185 -1.40 -33.03 48.02
N MET A 186 -1.54 -34.35 48.10
CA MET A 186 -2.51 -34.94 49.02
C MET A 186 -1.86 -36.12 49.74
N HIS A 187 -2.24 -36.30 51.00
CA HIS A 187 -1.69 -37.37 51.83
C HIS A 187 -2.58 -38.60 51.72
N PHE A 188 -2.05 -39.67 51.13
CA PHE A 188 -2.81 -40.87 50.89
C PHE A 188 -2.71 -41.87 52.04
N GLY A 189 -2.00 -41.54 53.10
CA GLY A 189 -1.86 -42.43 54.22
C GLY A 189 -0.65 -43.33 54.10
N ALA A 190 -0.67 -44.37 54.93
CA ALA A 190 0.45 -45.30 54.99
C ALA A 190 0.56 -46.09 53.69
N CYS A 191 1.79 -46.25 53.20
CA CYS A 191 2.11 -47.08 52.04
C CYS A 191 3.62 -47.22 51.96
N ASP A 192 4.06 -48.37 51.46
CA ASP A 192 5.48 -48.65 51.33
C ASP A 192 5.92 -48.39 49.90
N PHE A 193 7.16 -47.91 49.74
CA PHE A 193 7.64 -47.54 48.41
C PHE A 193 7.62 -48.73 47.47
N GLN A 194 8.06 -49.90 47.96
CA GLN A 194 7.97 -51.11 47.14
C GLN A 194 6.52 -51.46 46.84
N ARG A 195 5.60 -51.08 47.71
CA ARG A 195 4.17 -51.37 47.53
C ARG A 195 3.44 -50.33 46.68
N LEU A 196 4.17 -49.41 46.06
CA LEU A 196 3.51 -48.44 45.20
C LEU A 196 2.89 -49.15 44.00
N PRO A 197 1.68 -48.78 43.60
CA PRO A 197 1.03 -49.48 42.49
C PRO A 197 1.66 -49.16 41.15
N SER A 198 1.55 -50.11 40.22
CA SER A 198 2.07 -49.89 38.88
C SER A 198 1.17 -48.93 38.09
N GLU A 199 -0.14 -48.98 38.32
CA GLU A 199 -1.10 -48.12 37.65
C GLU A 199 -1.90 -47.32 38.66
N VAL A 200 -2.21 -46.07 38.31
CA VAL A 200 -3.08 -45.20 39.07
C VAL A 200 -4.17 -44.71 38.14
N THR A 201 -5.35 -44.41 38.68
CA THR A 201 -6.47 -43.97 37.88
C THR A 201 -6.83 -42.54 38.24
N VAL A 202 -7.23 -41.76 37.23
CA VAL A 202 -7.77 -40.42 37.41
C VAL A 202 -9.17 -40.39 36.81
N ALA A 203 -10.11 -39.78 37.52
CA ALA A 203 -11.51 -39.75 37.12
C ALA A 203 -11.92 -38.33 36.74
N LYS A 204 -12.04 -38.07 35.44
CA LYS A 204 -12.53 -36.81 34.90
C LYS A 204 -14.05 -36.87 34.82
N PRO A 205 -14.72 -35.72 34.69
CA PRO A 205 -16.19 -35.75 34.57
C PRO A 205 -16.70 -36.55 33.38
N ASN A 206 -15.83 -36.89 32.41
CA ASN A 206 -16.24 -37.71 31.27
C ASN A 206 -15.27 -38.84 30.92
N VAL A 207 -13.97 -38.73 31.21
CA VAL A 207 -12.97 -39.74 30.83
C VAL A 207 -12.33 -40.36 32.06
N LEU A 208 -12.04 -41.67 31.99
CA LEU A 208 -11.31 -42.39 33.04
C LEU A 208 -9.89 -42.63 32.52
N ILE A 209 -8.97 -41.77 32.93
CA ILE A 209 -7.58 -41.82 32.49
C ILE A 209 -6.76 -42.76 33.37
N ALA A 210 -5.87 -43.53 32.75
CA ALA A 210 -4.98 -44.44 33.47
C ALA A 210 -3.55 -43.94 33.34
N LEU A 211 -2.87 -43.74 34.47
CA LEU A 211 -1.50 -43.30 34.52
C LEU A 211 -0.60 -44.44 34.96
N LYS A 212 0.36 -44.80 34.12
CA LYS A 212 1.30 -45.87 34.41
C LYS A 212 2.58 -45.30 35.00
N MET A 213 3.21 -46.08 35.87
CA MET A 213 4.48 -45.66 36.48
C MET A 213 5.58 -45.60 35.42
N ILE A 214 6.21 -44.44 35.28
CA ILE A 214 7.23 -44.25 34.26
C ILE A 214 8.63 -44.49 34.80
N LYS A 215 8.98 -43.87 35.92
CA LYS A 215 10.28 -44.10 36.54
C LYS A 215 10.13 -44.03 38.05
N ARG A 216 10.94 -44.81 38.74
CA ARG A 216 10.95 -44.84 40.20
C ARG A 216 12.39 -44.72 40.67
N GLN A 217 12.58 -44.02 41.78
CA GLN A 217 13.90 -43.80 42.36
C GLN A 217 13.81 -43.95 43.87
N ALA A 218 14.69 -44.76 44.44
CA ALA A 218 14.64 -45.05 45.87
C ALA A 218 15.56 -44.09 46.61
N TYR A 219 15.00 -43.32 47.53
CA TYR A 219 15.76 -42.38 48.35
C TYR A 219 16.13 -42.96 49.72
N GLY A 220 15.72 -44.19 50.01
CA GLY A 220 16.04 -44.78 51.29
C GLY A 220 15.49 -46.19 51.37
N THR A 221 15.53 -46.74 52.59
CA THR A 221 15.04 -48.11 52.77
C THR A 221 13.53 -48.19 52.54
N ASN A 222 12.78 -47.20 53.01
CA ASN A 222 11.32 -47.19 52.83
C ASN A 222 10.81 -45.85 52.34
N SER A 223 11.64 -45.12 51.59
CA SER A 223 11.22 -43.83 51.04
C SER A 223 11.74 -43.70 49.62
N GLY A 224 10.95 -43.04 48.77
CA GLY A 224 11.35 -42.87 47.39
C GLY A 224 10.38 -41.97 46.64
N VAL A 225 10.59 -41.91 45.33
CA VAL A 225 9.76 -41.11 44.44
C VAL A 225 9.38 -41.96 43.24
N ALA A 226 8.16 -41.75 42.73
CA ALA A 226 7.69 -42.42 41.54
C ALA A 226 6.98 -41.43 40.63
N ILE A 227 6.97 -41.71 39.34
CA ILE A 227 6.31 -40.85 38.36
C ILE A 227 5.27 -41.67 37.61
N TYR A 228 4.07 -41.11 37.45
CA TYR A 228 3.00 -41.73 36.67
C TYR A 228 2.63 -40.78 35.55
N HIS A 229 2.42 -41.33 34.35
CA HIS A 229 2.26 -40.49 33.17
C HIS A 229 1.36 -41.19 32.16
N ARG A 230 0.72 -40.37 31.31
CA ARG A 230 -0.04 -40.89 30.18
C ARG A 230 0.04 -39.89 29.02
N SER A 240 -12.67 -24.69 20.26
CA SER A 240 -13.16 -23.44 20.84
C SER A 240 -12.06 -22.40 20.92
N HIS A 241 -10.93 -22.80 21.52
CA HIS A 241 -9.78 -21.89 21.59
C HIS A 241 -9.20 -21.63 20.20
N ASN A 242 -9.13 -22.68 19.37
CA ASN A 242 -8.57 -22.56 18.03
C ASN A 242 -9.49 -21.74 17.13
N VAL A 243 -8.93 -21.28 16.02
CA VAL A 243 -9.64 -20.47 15.04
C VAL A 243 -10.30 -21.41 14.03
N TYR A 244 -11.63 -21.47 14.03
CA TYR A 244 -12.36 -22.40 13.18
C TYR A 244 -12.71 -21.73 11.86
N ILE A 245 -12.21 -22.29 10.76
CA ILE A 245 -12.31 -21.70 9.42
C ILE A 245 -13.18 -22.59 8.54
N THR A 246 -14.12 -21.95 7.82
CA THR A 246 -14.98 -22.58 6.84
C THR A 246 -14.92 -21.77 5.55
N ALA A 247 -15.33 -22.40 4.45
CA ALA A 247 -15.34 -21.72 3.16
C ALA A 247 -16.61 -20.87 3.00
N ASP A 248 -16.52 -19.88 2.09
CA ASP A 248 -17.61 -18.95 1.76
C ASP A 248 -17.60 -18.76 0.24
N LYS A 249 -18.25 -19.68 -0.48
CA LYS A 249 -18.17 -19.70 -1.93
C LYS A 249 -18.79 -18.44 -2.54
N GLN A 250 -19.93 -17.99 -2.00
CA GLN A 250 -20.63 -16.87 -2.62
C GLN A 250 -19.75 -15.61 -2.64
N LYS A 251 -18.96 -15.40 -1.60
CA LYS A 251 -18.00 -14.31 -1.57
C LYS A 251 -16.59 -14.76 -1.98
N ASN A 252 -16.43 -16.04 -2.32
CA ASN A 252 -15.16 -16.59 -2.82
C ASN A 252 -14.04 -16.42 -1.80
N GLY A 253 -14.34 -16.70 -0.54
CA GLY A 253 -13.37 -16.52 0.53
C GLY A 253 -13.59 -17.52 1.65
N ILE A 254 -13.31 -17.07 2.88
CA ILE A 254 -13.47 -17.90 4.06
C ILE A 254 -14.15 -17.09 5.16
N LYS A 255 -14.79 -17.80 6.08
CA LYS A 255 -15.36 -17.23 7.28
C LYS A 255 -14.84 -18.01 8.48
N ALA A 256 -14.38 -17.29 9.50
CA ALA A 256 -13.79 -17.91 10.68
C ALA A 256 -14.43 -17.38 11.95
N ASN A 257 -14.52 -18.26 12.94
CA ASN A 257 -15.04 -17.92 14.26
C ASN A 257 -14.05 -18.39 15.32
N PHE A 258 -13.92 -17.61 16.38
CA PHE A 258 -13.23 -18.11 17.57
C PHE A 258 -13.52 -17.20 18.75
N LYS A 259 -13.03 -17.64 19.91
CA LYS A 259 -13.21 -16.92 21.17
C LYS A 259 -11.88 -16.80 21.86
N ILE A 260 -11.62 -15.64 22.46
CA ILE A 260 -10.38 -15.38 23.17
C ILE A 260 -10.73 -14.98 24.60
N ARG A 261 -10.13 -15.68 25.56
CA ARG A 261 -10.38 -15.45 26.99
C ARG A 261 -9.15 -14.76 27.58
N HIS A 262 -9.16 -13.44 27.54
CA HIS A 262 -8.04 -12.67 28.10
C HIS A 262 -8.07 -12.76 29.62
N ASN A 263 -6.92 -13.03 30.23
CA ASN A 263 -6.85 -13.04 31.68
C ASN A 263 -6.89 -11.61 32.20
N VAL A 264 -7.92 -11.29 32.95
CA VAL A 264 -7.99 -10.00 33.64
C VAL A 264 -7.33 -10.13 35.01
N GLU A 265 -6.86 -8.99 35.54
CA GLU A 265 -6.00 -9.02 36.71
C GLU A 265 -6.71 -9.55 37.96
N ASP A 266 -8.02 -9.33 38.10
CA ASP A 266 -8.68 -9.72 39.34
C ASP A 266 -9.01 -11.21 39.42
N GLY A 267 -8.65 -11.99 38.40
CA GLY A 267 -8.88 -13.42 38.38
C GLY A 267 -9.87 -13.91 37.35
N SER A 268 -10.81 -13.05 36.92
CA SER A 268 -11.76 -13.45 35.90
C SER A 268 -11.10 -13.37 34.52
N VAL A 269 -11.89 -13.61 33.47
CA VAL A 269 -11.41 -13.48 32.11
C VAL A 269 -12.40 -12.64 31.31
N GLN A 270 -11.87 -11.82 30.41
CA GLN A 270 -12.67 -11.03 29.49
C GLN A 270 -12.81 -11.78 28.17
N LEU A 271 -14.06 -11.94 27.72
CA LEU A 271 -14.36 -12.67 26.50
C LEU A 271 -14.26 -11.76 25.29
N ALA A 272 -13.70 -12.29 24.20
CA ALA A 272 -13.64 -11.60 22.92
C ALA A 272 -14.09 -12.59 21.84
N ASP A 273 -15.29 -12.37 21.30
CA ASP A 273 -15.83 -13.19 20.22
C ASP A 273 -15.36 -12.62 18.89
N HIS A 274 -14.45 -13.32 18.23
CA HIS A 274 -13.95 -12.92 16.92
C HIS A 274 -14.79 -13.60 15.84
N TYR A 275 -15.42 -12.79 14.99
CA TYR A 275 -16.06 -13.25 13.76
C TYR A 275 -15.40 -12.55 12.59
N GLN A 276 -14.79 -13.33 11.68
CA GLN A 276 -14.01 -12.76 10.60
C GLN A 276 -14.40 -13.38 9.27
N GLN A 277 -14.11 -12.66 8.19
CA GLN A 277 -14.28 -13.15 6.85
C GLN A 277 -13.21 -12.56 5.95
N ASN A 278 -12.60 -13.42 5.13
CA ASN A 278 -11.56 -13.02 4.20
C ASN A 278 -12.03 -13.23 2.77
N THR A 279 -11.77 -12.24 1.92
CA THR A 279 -12.10 -12.30 0.50
C THR A 279 -10.91 -11.81 -0.33
N PRO A 280 -10.63 -12.45 -1.47
CA PRO A 280 -9.43 -12.08 -2.23
C PRO A 280 -9.51 -10.66 -2.78
N ILE A 281 -8.34 -10.02 -2.84
CA ILE A 281 -8.28 -8.64 -3.33
C ILE A 281 -8.47 -8.60 -4.84
N GLY A 282 -7.75 -9.46 -5.56
CA GLY A 282 -7.79 -9.44 -7.00
C GLY A 282 -8.35 -10.71 -7.60
N ASP A 283 -8.77 -10.64 -8.87
CA ASP A 283 -9.27 -11.81 -9.56
C ASP A 283 -8.19 -12.86 -9.68
N GLY A 284 -8.48 -14.07 -9.20
CA GLY A 284 -7.54 -15.15 -9.26
C GLY A 284 -8.12 -16.43 -8.68
N PRO A 285 -7.48 -17.57 -8.97
CA PRO A 285 -7.99 -18.84 -8.45
C PRO A 285 -7.53 -19.14 -7.02
N VAL A 286 -8.32 -18.74 -6.03
CA VAL A 286 -8.00 -19.03 -4.64
C VAL A 286 -8.47 -20.44 -4.29
N LEU A 287 -7.89 -20.98 -3.23
CA LEU A 287 -8.26 -22.30 -2.73
C LEU A 287 -9.42 -22.16 -1.75
N LEU A 288 -10.56 -22.78 -2.10
CA LEU A 288 -11.72 -22.78 -1.21
C LEU A 288 -11.62 -23.97 -0.27
N PRO A 289 -11.27 -23.77 1.00
CA PRO A 289 -10.89 -24.90 1.85
C PRO A 289 -12.08 -25.64 2.44
N ASP A 290 -11.81 -26.88 2.85
CA ASP A 290 -12.75 -27.59 3.70
C ASP A 290 -12.75 -26.97 5.09
N ASN A 291 -13.75 -27.36 5.89
CA ASN A 291 -13.80 -26.91 7.27
C ASN A 291 -12.60 -27.44 8.04
N HIS A 292 -11.86 -26.53 8.68
CA HIS A 292 -10.70 -26.92 9.46
C HIS A 292 -10.45 -25.85 10.52
N TYR A 293 -9.30 -25.91 11.19
CA TYR A 293 -9.00 -24.90 12.20
C TYR A 293 -7.50 -24.66 12.27
N LEU A 294 -7.15 -23.50 12.82
CA LEU A 294 -5.77 -23.12 13.08
C LEU A 294 -5.55 -23.08 14.59
N SER A 295 -4.53 -23.78 15.05
CA SER A 295 -4.07 -23.72 16.43
C SER A 295 -2.94 -22.71 16.55
N THR A 296 -3.11 -21.76 17.47
CA THR A 296 -2.18 -20.64 17.64
C THR A 296 -1.61 -20.64 19.04
N GLN A 297 -0.31 -20.39 19.14
CA GLN A 297 0.39 -20.23 20.41
C GLN A 297 1.19 -18.94 20.38
N SER A 298 0.98 -18.08 21.37
CA SER A 298 1.60 -16.77 21.39
C SER A 298 2.36 -16.54 22.68
N VAL A 299 3.45 -15.79 22.58
CA VAL A 299 4.30 -15.40 23.71
C VAL A 299 4.56 -13.90 23.59
N LEU A 300 4.21 -13.17 24.64
CA LEU A 300 4.33 -11.72 24.69
C LEU A 300 5.49 -11.35 25.60
N SER A 301 6.44 -10.59 25.06
CA SER A 301 7.60 -10.11 25.82
C SER A 301 7.82 -8.64 25.47
N LYS A 302 8.88 -8.08 26.02
CA LYS A 302 9.22 -6.69 25.76
C LYS A 302 10.74 -6.56 25.58
N ASP A 303 11.13 -5.63 24.71
CA ASP A 303 12.54 -5.37 24.45
C ASP A 303 13.16 -4.65 25.65
N PRO A 304 14.14 -5.25 26.34
CA PRO A 304 14.65 -4.62 27.58
C PRO A 304 15.25 -3.25 27.40
N ASN A 305 15.90 -2.97 26.26
CA ASN A 305 16.49 -1.65 26.04
C ASN A 305 15.52 -0.67 25.42
N GLU A 306 14.26 -1.07 25.23
CA GLU A 306 13.25 -0.22 24.62
C GLU A 306 12.47 0.53 25.69
N LYS A 307 12.23 1.83 25.44
CA LYS A 307 11.50 2.67 26.38
C LYS A 307 10.11 3.08 25.90
N ARG A 308 9.90 3.28 24.61
CA ARG A 308 8.57 3.65 24.14
C ARG A 308 7.63 2.46 24.26
N ASP A 309 6.33 2.76 24.41
CA ASP A 309 5.31 1.75 24.61
C ASP A 309 5.27 0.77 23.44
N HIS A 310 5.67 -0.48 23.69
CA HIS A 310 5.95 -1.45 22.64
C HIS A 310 5.50 -2.83 23.08
N MET A 311 5.54 -3.78 22.12
CA MET A 311 5.24 -5.17 22.40
C MET A 311 6.04 -6.07 21.45
N VAL A 312 6.69 -7.09 21.99
CA VAL A 312 7.44 -8.06 21.20
C VAL A 312 6.64 -9.36 21.18
N LEU A 313 6.28 -9.82 19.99
CA LEU A 313 5.39 -10.96 19.83
C LEU A 313 6.14 -12.11 19.15
N LEU A 314 6.03 -13.30 19.73
CA LEU A 314 6.46 -14.54 19.10
C LEU A 314 5.24 -15.44 18.95
N GLU A 315 4.97 -15.90 17.74
CA GLU A 315 3.72 -16.61 17.47
C GLU A 315 3.95 -17.80 16.55
N PHE A 316 3.28 -18.91 16.87
CA PHE A 316 3.38 -20.14 16.07
C PHE A 316 1.98 -20.66 15.79
N VAL A 317 1.66 -20.81 14.51
CA VAL A 317 0.34 -21.28 14.08
C VAL A 317 0.53 -22.55 13.25
N THR A 318 -0.34 -23.53 13.49
CA THR A 318 -0.35 -24.77 12.74
C THR A 318 -1.78 -25.08 12.35
N ALA A 319 -1.96 -25.92 11.33
CA ALA A 319 -3.28 -26.21 10.79
C ALA A 319 -3.67 -27.66 11.08
N ALA A 320 -4.98 -27.91 11.04
CA ALA A 320 -5.54 -29.23 11.29
C ALA A 320 -6.98 -29.29 10.80
N SER B 2 8.00 12.01 4.21
CA SER B 2 6.84 12.78 4.65
C SER B 2 5.59 11.90 4.75
N LYS B 3 4.84 12.06 5.84
CA LYS B 3 3.59 11.33 5.97
C LYS B 3 2.57 11.84 4.96
N GLY B 4 1.68 10.94 4.54
CA GLY B 4 0.71 11.23 3.50
C GLY B 4 1.16 10.88 2.10
N GLU B 5 2.47 10.81 1.85
CA GLU B 5 2.96 10.30 0.58
C GLU B 5 2.98 8.77 0.56
N GLU B 6 2.91 8.14 1.73
CA GLU B 6 2.91 6.68 1.81
C GLU B 6 1.69 6.09 1.13
N LEU B 7 0.59 6.85 1.05
CA LEU B 7 -0.62 6.37 0.41
C LEU B 7 -0.46 6.21 -1.09
N PHE B 8 0.64 6.70 -1.67
CA PHE B 8 0.92 6.56 -3.09
C PHE B 8 2.05 5.57 -3.38
N THR B 9 2.40 4.72 -2.41
CA THR B 9 3.46 3.74 -2.64
C THR B 9 3.08 2.74 -3.73
N GLY B 10 1.81 2.31 -3.74
CA GLY B 10 1.32 1.39 -4.72
C GLY B 10 0.45 2.05 -5.77
N VAL B 11 -0.31 1.22 -6.49
CA VAL B 11 -1.26 1.72 -7.47
C VAL B 11 -2.55 2.11 -6.77
N VAL B 12 -3.11 3.24 -7.15
CA VAL B 12 -4.28 3.81 -6.49
C VAL B 12 -5.39 3.94 -7.52
N PRO B 13 -6.61 3.47 -7.24
CA PRO B 13 -7.73 3.69 -8.17
C PRO B 13 -8.12 5.16 -8.22
N ILE B 14 -8.44 5.62 -9.43
CA ILE B 14 -8.73 7.01 -9.71
C ILE B 14 -10.13 7.13 -10.29
N LEU B 15 -10.88 8.10 -9.80
CA LEU B 15 -12.18 8.49 -10.33
C LEU B 15 -12.16 9.98 -10.60
N VAL B 16 -12.48 10.37 -11.84
CA VAL B 16 -12.51 11.76 -12.26
C VAL B 16 -13.93 12.07 -12.71
N GLU B 17 -14.49 13.17 -12.22
CA GLU B 17 -15.86 13.57 -12.55
C GLU B 17 -15.87 15.05 -12.87
N LEU B 18 -16.27 15.41 -14.08
CA LEU B 18 -16.30 16.80 -14.53
C LEU B 18 -17.67 17.14 -15.07
N ASP B 19 -18.21 18.28 -14.64
CA ASP B 19 -19.40 18.88 -15.21
C ASP B 19 -18.98 20.20 -15.83
N GLY B 20 -19.17 20.34 -17.14
CA GLY B 20 -18.70 21.51 -17.87
C GLY B 20 -19.82 22.20 -18.61
N ASP B 21 -19.65 23.51 -18.77
CA ASP B 21 -20.56 24.32 -19.59
C ASP B 21 -19.71 25.27 -20.41
N VAL B 22 -19.65 25.03 -21.72
CA VAL B 22 -18.84 25.79 -22.65
C VAL B 22 -19.77 26.51 -23.61
N ASN B 23 -19.83 27.84 -23.50
CA ASN B 23 -20.65 28.69 -24.37
C ASN B 23 -22.12 28.23 -24.37
N GLY B 24 -22.63 27.90 -23.20
CA GLY B 24 -24.00 27.43 -23.09
C GLY B 24 -24.21 25.97 -23.43
N HIS B 25 -23.14 25.24 -23.74
CA HIS B 25 -23.21 23.82 -24.04
C HIS B 25 -22.88 23.02 -22.79
N LYS B 26 -23.86 22.28 -22.29
CA LYS B 26 -23.69 21.49 -21.08
C LYS B 26 -23.19 20.09 -21.43
N PHE B 27 -22.22 19.61 -20.66
CA PHE B 27 -21.71 18.26 -20.85
C PHE B 27 -21.14 17.75 -19.53
N SER B 28 -20.92 16.44 -19.48
CA SER B 28 -20.34 15.82 -18.31
C SER B 28 -19.44 14.66 -18.74
N VAL B 29 -18.26 14.59 -18.14
CA VAL B 29 -17.28 13.54 -18.42
C VAL B 29 -17.01 12.77 -17.14
N ARG B 30 -16.95 11.45 -17.24
CA ARG B 30 -16.59 10.62 -16.11
C ARG B 30 -15.50 9.67 -16.54
N GLY B 31 -14.45 9.56 -15.74
CA GLY B 31 -13.32 8.72 -16.08
C GLY B 31 -12.89 7.88 -14.90
N GLU B 32 -12.35 6.70 -15.21
CA GLU B 32 -11.90 5.77 -14.19
C GLU B 32 -10.57 5.18 -14.61
N GLY B 33 -9.79 4.77 -13.62
CA GLY B 33 -8.53 4.11 -13.93
C GLY B 33 -7.68 3.91 -12.71
N GLU B 34 -6.37 3.92 -12.93
CA GLU B 34 -5.46 3.78 -11.80
C GLU B 34 -4.15 4.51 -12.08
N GLY B 35 -3.53 4.97 -11.00
CA GLY B 35 -2.27 5.69 -11.09
C GLY B 35 -1.22 5.06 -10.21
N ASP B 36 -0.02 4.93 -10.76
CA ASP B 36 1.15 4.41 -10.03
C ASP B 36 2.11 5.58 -9.85
N ALA B 37 2.11 6.16 -8.65
CA ALA B 37 2.99 7.30 -8.38
C ALA B 37 4.45 6.89 -8.39
N THR B 38 4.74 5.60 -8.24
CA THR B 38 6.12 5.13 -8.26
C THR B 38 6.77 5.42 -9.61
N ASN B 39 6.07 5.17 -10.70
CA ASN B 39 6.57 5.44 -12.04
C ASN B 39 5.96 6.68 -12.67
N GLY B 40 5.03 7.35 -11.98
CA GLY B 40 4.30 8.43 -12.59
C GLY B 40 3.24 7.99 -13.57
N LYS B 41 2.92 6.70 -13.60
CA LYS B 41 1.96 6.16 -14.54
C LYS B 41 0.54 6.61 -14.21
N LEU B 42 -0.21 6.97 -15.25
CA LEU B 42 -1.63 7.27 -15.14
C LEU B 42 -2.33 6.57 -16.28
N THR B 43 -3.23 5.63 -15.98
CA THR B 43 -3.99 4.94 -17.02
C THR B 43 -5.47 5.15 -16.72
N LEU B 44 -6.14 5.93 -17.58
CA LEU B 44 -7.54 6.24 -17.36
C LEU B 44 -8.34 6.11 -18.66
N LYS B 45 -9.63 5.89 -18.51
CA LYS B 45 -10.59 5.94 -19.59
C LYS B 45 -11.70 6.91 -19.21
N PHE B 46 -11.93 7.89 -20.08
CA PHE B 46 -12.93 8.92 -19.87
C PHE B 46 -14.04 8.74 -20.90
N ILE B 47 -15.27 8.94 -20.46
CA ILE B 47 -16.45 8.83 -21.32
C ILE B 47 -17.33 10.04 -21.05
N CYS B 48 -17.81 10.67 -22.13
CA CYS B 48 -18.79 11.74 -22.01
C CYS B 48 -20.15 11.12 -21.70
N THR B 49 -20.68 11.38 -20.50
CA THR B 49 -21.95 10.79 -20.11
C THR B 49 -23.11 11.40 -20.90
N THR B 50 -23.01 12.69 -21.23
CA THR B 50 -24.04 13.32 -22.07
C THR B 50 -24.01 12.77 -23.49
N GLY B 51 -22.87 12.25 -23.93
CA GLY B 51 -22.68 11.67 -25.24
C GLY B 51 -21.77 12.45 -26.16
N LYS B 52 -22.27 13.49 -26.82
CA LYS B 52 -21.43 14.27 -27.70
C LYS B 52 -20.67 15.32 -26.91
N LEU B 53 -19.36 15.37 -27.09
CA LEU B 53 -18.52 16.31 -26.36
C LEU B 53 -18.38 17.59 -27.16
N PRO B 54 -18.80 18.74 -26.61
CA PRO B 54 -18.75 20.00 -27.38
C PRO B 54 -17.33 20.44 -27.71
N VAL B 55 -16.37 20.20 -26.83
CA VAL B 55 -14.98 20.63 -27.07
C VAL B 55 -14.16 19.35 -27.25
N PRO B 56 -13.02 19.40 -27.94
CA PRO B 56 -12.24 18.18 -28.14
C PRO B 56 -11.53 17.75 -26.87
N TRP B 57 -11.38 16.43 -26.72
CA TRP B 57 -10.72 15.84 -25.57
C TRP B 57 -9.39 16.49 -25.20
N PRO B 58 -8.47 16.80 -26.13
CA PRO B 58 -7.19 17.38 -25.72
C PRO B 58 -7.33 18.66 -24.90
N THR B 59 -8.38 19.45 -25.14
CA THR B 59 -8.58 20.66 -24.35
C THR B 59 -8.77 20.34 -22.88
N LEU B 60 -9.45 19.22 -22.59
CA LEU B 60 -9.78 18.85 -21.22
C LEU B 60 -8.79 17.85 -20.61
N VAL B 61 -7.82 17.35 -21.38
CA VAL B 61 -6.83 16.43 -20.82
C VAL B 61 -6.17 17.01 -19.58
N THR B 62 -5.74 18.28 -19.67
CA THR B 62 -5.10 18.93 -18.52
C THR B 62 -6.08 19.08 -17.36
N THR B 63 -7.29 19.55 -17.66
CA THR B 63 -8.26 19.78 -16.59
C THR B 63 -8.69 18.47 -15.95
N LEU B 64 -8.86 17.42 -16.75
CA LEU B 64 -9.20 16.10 -16.24
C LEU B 64 -8.07 15.55 -15.39
N VAL B 66 -4.76 15.58 -11.22
CA VAL B 66 -4.26 14.55 -10.32
C VAL B 66 -2.74 14.51 -10.35
N GLN B 67 -2.13 15.68 -10.23
CA GLN B 67 -0.67 15.80 -10.27
C GLN B 67 0.03 15.14 -9.08
N CYS B 68 -0.74 14.57 -8.13
CA CYS B 68 -0.12 13.84 -7.02
C CYS B 68 0.59 12.57 -7.49
N PHE B 69 0.15 11.98 -8.61
CA PHE B 69 0.80 10.80 -9.13
C PHE B 69 2.11 11.11 -9.86
N SER B 70 2.49 12.38 -9.97
CA SER B 70 3.78 12.73 -10.55
C SER B 70 4.91 12.13 -9.72
N ARG B 71 5.88 11.53 -10.40
CA ARG B 71 7.02 10.92 -9.71
C ARG B 71 7.99 12.00 -9.26
N TYR B 72 8.15 12.13 -7.95
CA TYR B 72 9.12 13.05 -7.38
C TYR B 72 10.34 12.27 -6.92
N PRO B 73 11.53 12.52 -7.46
CA PRO B 73 12.73 11.80 -7.02
C PRO B 73 13.01 12.01 -5.54
N ASP B 74 13.97 11.23 -5.02
CA ASP B 74 14.23 11.22 -3.58
C ASP B 74 14.66 12.60 -3.10
N HIS B 75 15.52 13.28 -3.85
CA HIS B 75 16.02 14.58 -3.41
C HIS B 75 14.92 15.64 -3.44
N MET B 76 13.88 15.44 -4.23
CA MET B 76 12.76 16.37 -4.31
C MET B 76 11.51 15.86 -3.59
N LYS B 77 11.62 14.81 -2.79
CA LYS B 77 10.46 14.29 -2.09
C LYS B 77 9.92 15.26 -1.04
N ARG B 78 10.72 16.24 -0.63
CA ARG B 78 10.27 17.28 0.29
C ARG B 78 9.60 18.45 -0.42
N HIS B 79 9.41 18.36 -1.74
CA HIS B 79 8.78 19.42 -2.51
C HIS B 79 7.48 18.99 -3.18
N ASP B 80 7.05 17.75 -3.01
CA ASP B 80 5.80 17.30 -3.62
C ASP B 80 4.65 17.77 -2.76
N PHE B 81 4.07 18.91 -3.12
CA PHE B 81 2.95 19.46 -2.36
C PHE B 81 1.70 18.60 -2.50
N PHE B 82 1.51 17.97 -3.67
CA PHE B 82 0.25 17.29 -3.96
C PHE B 82 0.01 16.12 -3.00
N LYS B 83 0.96 15.17 -2.94
CA LYS B 83 0.77 14.05 -2.03
C LYS B 83 0.91 14.45 -0.57
N SER B 84 1.57 15.57 -0.29
CA SER B 84 1.67 16.04 1.09
C SER B 84 0.35 16.61 1.57
N ALA B 85 -0.47 17.14 0.66
CA ALA B 85 -1.80 17.63 1.03
C ALA B 85 -2.74 16.48 1.36
N MET B 86 -2.48 15.30 0.80
CA MET B 86 -3.32 14.13 1.03
C MET B 86 -3.21 13.67 2.49
N PRO B 87 -4.20 12.90 2.98
CA PRO B 87 -5.38 12.35 2.31
C PRO B 87 -6.56 13.31 2.25
N GLU B 88 -6.45 14.44 2.93
CA GLU B 88 -7.53 15.42 2.91
C GLU B 88 -7.70 16.03 1.52
N GLY B 89 -6.61 16.17 0.78
CA GLY B 89 -6.68 16.64 -0.59
C GLY B 89 -6.33 18.10 -0.74
N TYR B 90 -6.46 18.58 -1.97
CA TYR B 90 -6.25 19.98 -2.30
C TYR B 90 -7.31 20.40 -3.31
N VAL B 91 -7.35 21.70 -3.57
CA VAL B 91 -8.23 22.28 -4.58
C VAL B 91 -7.36 22.92 -5.65
N GLN B 92 -7.68 22.65 -6.91
CA GLN B 92 -6.92 23.05 -8.08
C GLN B 92 -7.81 23.99 -8.90
N GLU B 93 -7.43 25.26 -8.98
CA GLU B 93 -8.15 26.24 -9.76
C GLU B 93 -7.32 26.57 -11.00
N ARG B 94 -7.94 26.48 -12.16
CA ARG B 94 -7.26 26.68 -13.43
C ARG B 94 -7.98 27.73 -14.26
N THR B 95 -7.19 28.51 -14.99
CA THR B 95 -7.69 29.44 -16.00
C THR B 95 -6.91 29.17 -17.28
N ILE B 96 -7.61 28.78 -18.33
CA ILE B 96 -7.00 28.38 -19.59
C ILE B 96 -7.41 29.42 -20.63
N SER B 97 -6.47 30.25 -21.04
CA SER B 97 -6.74 31.26 -22.05
C SER B 97 -6.28 30.73 -23.40
N PHE B 98 -7.22 30.54 -24.33
CA PHE B 98 -6.88 30.07 -25.66
C PHE B 98 -6.63 31.24 -26.58
N LYS B 99 -5.48 31.24 -27.24
CA LYS B 99 -5.11 32.35 -28.11
C LYS B 99 -6.13 32.52 -29.22
N ASP B 100 -6.66 33.74 -29.33
CA ASP B 100 -7.66 34.08 -30.35
C ASP B 100 -8.92 33.22 -30.20
N ASP B 101 -9.31 33.00 -28.94
CA ASP B 101 -10.52 32.24 -28.60
C ASP B 101 -10.84 32.51 -27.14
N GLY B 102 -11.83 31.78 -26.62
CA GLY B 102 -12.32 32.04 -25.28
C GLY B 102 -11.43 31.45 -24.21
N THR B 103 -11.99 31.35 -23.01
CA THR B 103 -11.24 30.85 -21.86
C THR B 103 -12.04 29.80 -21.11
N TYR B 104 -11.31 28.88 -20.49
CA TYR B 104 -11.82 27.94 -19.51
C TYR B 104 -11.55 28.49 -18.11
N LYS B 105 -12.54 28.35 -17.23
CA LYS B 105 -12.35 28.56 -15.80
C LYS B 105 -12.81 27.30 -15.09
N THR B 106 -11.91 26.66 -14.37
CA THR B 106 -12.17 25.35 -13.78
C THR B 106 -11.78 25.35 -12.32
N ARG B 107 -12.59 24.70 -11.49
CA ARG B 107 -12.28 24.48 -10.09
C ARG B 107 -12.48 23.01 -9.78
N ALA B 108 -11.46 22.36 -9.23
CA ALA B 108 -11.51 20.94 -8.96
C ALA B 108 -11.05 20.66 -7.53
N GLU B 109 -11.59 19.62 -6.95
CA GLU B 109 -11.14 19.10 -5.66
C GLU B 109 -10.56 17.72 -5.88
N VAL B 110 -9.30 17.54 -5.47
CA VAL B 110 -8.60 16.27 -5.55
C VAL B 110 -8.43 15.76 -4.12
N LYS B 111 -9.15 14.71 -3.76
CA LYS B 111 -9.10 14.19 -2.40
C LYS B 111 -9.20 12.67 -2.43
N PHE B 112 -9.12 12.08 -1.23
CA PHE B 112 -9.22 10.64 -1.07
C PHE B 112 -10.61 10.30 -0.53
N GLU B 113 -11.35 9.49 -1.27
CA GLU B 113 -12.61 8.93 -0.82
C GLU B 113 -12.36 7.45 -0.56
N GLY B 114 -12.28 7.07 0.70
CA GLY B 114 -11.88 5.71 1.03
C GLY B 114 -10.49 5.46 0.49
N ASP B 115 -10.35 4.38 -0.28
CA ASP B 115 -9.10 4.02 -0.93
C ASP B 115 -9.03 4.52 -2.38
N THR B 116 -10.00 5.29 -2.82
CA THR B 116 -10.01 5.83 -4.18
C THR B 116 -9.57 7.30 -4.15
N LEU B 117 -9.00 7.75 -5.27
CA LEU B 117 -8.53 9.11 -5.42
C LEU B 117 -9.51 9.81 -6.38
N VAL B 118 -10.31 10.72 -5.86
CA VAL B 118 -11.36 11.37 -6.63
C VAL B 118 -10.93 12.79 -6.99
N ASN B 119 -11.13 13.15 -8.25
CA ASN B 119 -10.87 14.49 -8.76
C ASN B 119 -12.16 14.99 -9.41
N ARG B 120 -12.81 15.95 -8.76
CA ARG B 120 -14.11 16.46 -9.19
C ARG B 120 -13.95 17.88 -9.71
N ILE B 121 -14.47 18.14 -10.91
CA ILE B 121 -14.19 19.37 -11.64
C ILE B 121 -15.49 20.06 -12.03
N GLU B 122 -15.48 21.39 -11.92
CA GLU B 122 -16.48 22.26 -12.52
C GLU B 122 -15.77 23.14 -13.53
N LEU B 123 -16.22 23.09 -14.78
CA LEU B 123 -15.59 23.80 -15.90
C LEU B 123 -16.59 24.73 -16.57
N LYS B 124 -16.12 25.92 -16.95
CA LYS B 124 -16.96 26.87 -17.67
C LYS B 124 -16.14 27.51 -18.80
N GLY B 125 -16.66 27.48 -20.01
CA GLY B 125 -16.00 28.06 -21.17
C GLY B 125 -16.75 29.26 -21.72
N ILE B 126 -16.03 30.37 -21.88
CA ILE B 126 -16.64 31.65 -22.23
C ILE B 126 -15.97 32.26 -23.44
N ASP B 127 -16.78 32.96 -24.25
CA ASP B 127 -16.36 33.65 -25.47
C ASP B 127 -15.62 32.75 -26.45
N PHE B 128 -16.23 31.62 -26.79
CA PHE B 128 -15.66 30.70 -27.77
C PHE B 128 -16.31 30.89 -29.13
N LYS B 129 -15.49 31.07 -30.15
CA LYS B 129 -16.00 31.17 -31.51
C LYS B 129 -16.65 29.85 -31.90
N GLU B 130 -17.88 29.93 -32.39
CA GLU B 130 -18.63 28.71 -32.71
C GLU B 130 -17.96 27.93 -33.84
N ASP B 131 -17.34 28.63 -34.78
CA ASP B 131 -16.55 28.01 -35.84
C ASP B 131 -15.06 28.01 -35.52
N GLY B 132 -14.71 28.21 -34.25
CA GLY B 132 -13.32 28.18 -33.84
C GLY B 132 -12.79 26.77 -33.73
N ASN B 133 -11.48 26.68 -33.48
CA ASN B 133 -10.83 25.38 -33.38
C ASN B 133 -11.40 24.56 -32.22
N ILE B 134 -11.74 25.23 -31.12
CA ILE B 134 -12.25 24.53 -29.94
C ILE B 134 -13.63 23.97 -30.21
N LEU B 135 -14.60 24.84 -30.47
CA LEU B 135 -15.97 24.38 -30.63
C LEU B 135 -16.17 23.61 -31.93
N GLY B 136 -15.31 23.82 -32.92
CA GLY B 136 -15.36 23.08 -34.16
C GLY B 136 -14.64 21.75 -34.18
N HIS B 137 -14.09 21.31 -33.05
CA HIS B 137 -13.32 20.06 -32.96
C HIS B 137 -12.19 20.03 -33.99
N LYS B 138 -11.62 21.20 -34.29
CA LYS B 138 -10.56 21.28 -35.28
C LYS B 138 -9.22 20.77 -34.76
N LEU B 139 -9.10 20.52 -33.46
CA LEU B 139 -7.83 20.06 -32.90
C LEU B 139 -7.59 18.60 -33.26
N GLU B 140 -6.30 18.24 -33.34
CA GLU B 140 -5.86 17.01 -34.00
C GLU B 140 -5.73 15.82 -33.04
N TYR B 141 -6.49 15.82 -31.94
CA TYR B 141 -6.45 14.72 -30.96
C TYR B 141 -5.02 14.52 -30.43
N ASN B 142 -4.33 15.62 -30.17
CA ASN B 142 -2.96 15.62 -29.67
C ASN B 142 -2.86 16.56 -28.49
N VAL B 143 -2.13 16.13 -27.45
CA VAL B 143 -1.97 16.98 -26.27
C VAL B 143 -1.08 18.18 -26.59
N ASP B 144 0.16 17.93 -27.00
CA ASP B 144 1.08 18.99 -27.35
C ASP B 144 1.74 18.67 -28.70
N THR B 145 2.21 19.71 -29.38
CA THR B 145 2.77 19.51 -30.72
C THR B 145 4.13 18.85 -30.68
N MET B 146 4.89 19.02 -29.59
CA MET B 146 6.17 18.35 -29.46
C MET B 146 6.05 16.94 -28.93
N GLU B 147 4.87 16.54 -28.48
CA GLU B 147 4.64 15.20 -27.98
C GLU B 147 4.31 14.27 -29.14
N SER B 148 5.07 13.19 -29.29
CA SER B 148 4.64 12.11 -30.16
C SER B 148 3.64 11.25 -29.41
N ASN B 149 2.46 11.08 -30.00
CA ASN B 149 1.42 10.27 -29.37
C ASN B 149 1.67 8.78 -29.54
N CYS B 150 2.89 8.39 -29.86
CA CYS B 150 3.21 6.99 -30.07
C CYS B 150 3.53 6.31 -28.74
N LEU B 151 3.46 4.99 -28.77
CA LEU B 151 3.87 4.14 -27.67
C LEU B 151 5.12 3.38 -28.07
N LEU B 152 5.95 3.06 -27.08
CA LEU B 152 7.15 2.26 -27.28
C LEU B 152 7.05 1.08 -26.33
N ASN B 153 7.03 -0.12 -26.88
CA ASN B 153 6.88 -1.35 -26.12
C ASN B 153 8.18 -2.14 -26.19
N VAL B 154 8.79 -2.35 -25.03
CA VAL B 154 10.02 -3.13 -24.92
C VAL B 154 9.67 -4.45 -24.25
N PRO B 155 9.81 -5.58 -24.93
CA PRO B 155 9.62 -6.88 -24.27
C PRO B 155 10.76 -7.15 -23.29
N ILE B 156 10.41 -7.28 -22.02
CA ILE B 156 11.35 -7.56 -20.93
C ILE B 156 10.80 -8.71 -20.12
N GLY B 157 11.61 -9.75 -19.92
CA GLY B 157 11.26 -10.87 -19.08
C GLY B 157 9.93 -11.52 -19.41
N GLY B 158 9.57 -11.54 -20.70
CA GLY B 158 8.35 -12.16 -21.16
C GLY B 158 7.14 -11.26 -21.22
N THR B 159 7.23 -10.02 -20.73
CA THR B 159 6.11 -9.09 -20.78
C THR B 159 6.59 -7.77 -21.39
N THR B 160 5.75 -7.16 -22.21
CA THR B 160 6.13 -5.90 -22.83
C THR B 160 5.81 -4.74 -21.90
N VAL B 161 6.78 -3.85 -21.71
CA VAL B 161 6.62 -2.63 -20.93
C VAL B 161 6.43 -1.49 -21.90
N VAL B 162 5.37 -0.71 -21.70
CA VAL B 162 4.94 0.32 -22.64
C VAL B 162 5.16 1.69 -22.00
N ARG B 163 5.86 2.56 -22.72
CA ARG B 163 6.13 3.93 -22.28
C ARG B 163 5.93 4.88 -23.46
N PRO B 164 5.60 6.15 -23.19
CA PRO B 164 5.51 7.13 -24.27
C PRO B 164 6.83 7.32 -24.99
N LEU B 165 6.74 7.81 -26.22
CA LEU B 165 7.88 7.96 -27.10
C LEU B 165 8.38 9.40 -26.98
N VAL B 166 9.66 9.56 -26.65
CA VAL B 166 10.22 10.89 -26.51
C VAL B 166 10.92 11.35 -27.78
N GLU B 167 11.56 10.45 -28.52
CA GLU B 167 12.05 10.75 -29.86
C GLU B 167 13.09 11.87 -29.84
N ASP B 168 14.02 11.79 -28.89
CA ASP B 168 15.05 12.81 -28.73
C ASP B 168 16.34 12.46 -29.46
N SER B 169 16.44 11.27 -30.03
CA SER B 169 17.67 10.86 -30.69
C SER B 169 17.76 11.44 -32.10
N THR B 170 18.98 11.49 -32.62
CA THR B 170 19.25 11.88 -34.00
C THR B 170 19.91 10.71 -34.73
N SER B 171 19.45 10.42 -35.95
CA SER B 171 19.99 9.31 -36.72
C SER B 171 19.86 9.58 -38.20
N VAL B 172 20.90 9.24 -38.95
CA VAL B 172 20.93 9.43 -40.40
C VAL B 172 21.32 8.11 -41.04
N THR B 173 20.57 7.71 -42.07
CA THR B 173 20.81 6.46 -42.78
C THR B 173 21.39 6.74 -44.15
N ALA B 174 22.34 5.91 -44.57
CA ALA B 174 23.02 6.05 -45.85
C ALA B 174 22.69 4.85 -46.72
N VAL B 175 22.33 5.12 -47.98
CA VAL B 175 22.03 4.07 -48.94
C VAL B 175 22.88 4.30 -50.17
N VAL B 176 23.77 3.36 -50.45
CA VAL B 176 24.62 3.40 -51.64
C VAL B 176 24.05 2.41 -52.63
N THR B 177 23.71 2.87 -53.83
CA THR B 177 23.22 2.02 -54.90
C THR B 177 24.10 2.20 -56.12
N ASP B 178 24.81 1.13 -56.49
CA ASP B 178 25.63 1.09 -57.70
C ASP B 178 26.56 2.28 -57.81
N GLY B 179 27.07 2.74 -56.67
CA GLY B 179 28.03 3.82 -56.65
C GLY B 179 27.46 5.21 -56.49
N TYR B 180 26.17 5.34 -56.20
CA TYR B 180 25.55 6.63 -55.94
C TYR B 180 24.98 6.65 -54.53
N LEU B 181 25.22 7.74 -53.81
CA LEU B 181 24.94 7.81 -52.39
C LEU B 181 23.71 8.67 -52.11
N LYS B 182 22.85 8.17 -51.24
CA LYS B 182 21.70 8.91 -50.73
C LYS B 182 21.76 8.95 -49.22
N MET B 183 21.86 10.14 -48.65
CA MET B 183 21.93 10.34 -47.20
C MET B 183 20.76 11.22 -46.80
N ALA B 184 19.93 10.71 -45.89
CA ALA B 184 18.77 11.42 -45.37
C ALA B 184 17.94 12.04 -46.50
N GLY B 185 17.47 11.18 -47.39
CA GLY B 185 16.60 11.61 -48.48
C GLY B 185 17.18 12.65 -49.41
N MET B 186 18.50 12.68 -49.57
CA MET B 186 19.16 13.64 -50.46
C MET B 186 20.19 12.92 -51.32
N HIS B 187 20.37 13.41 -52.54
CA HIS B 187 21.29 12.81 -53.50
C HIS B 187 22.66 13.47 -53.36
N PHE B 188 23.63 12.71 -52.83
CA PHE B 188 24.96 13.23 -52.57
C PHE B 188 25.96 12.96 -53.71
N GLY B 189 25.54 12.31 -54.79
CA GLY B 189 26.45 12.06 -55.89
C GLY B 189 27.19 10.75 -55.80
N ALA B 190 28.24 10.66 -56.61
CA ALA B 190 29.02 9.44 -56.71
C ALA B 190 29.80 9.16 -55.43
N CYS B 191 29.79 7.90 -55.02
CA CYS B 191 30.58 7.39 -53.89
C CYS B 191 30.49 5.87 -53.89
N ASP B 192 31.55 5.23 -53.41
CA ASP B 192 31.61 3.78 -53.32
C ASP B 192 31.30 3.37 -51.88
N PHE B 193 30.58 2.25 -51.74
CA PHE B 193 30.14 1.83 -50.41
C PHE B 193 31.32 1.57 -49.48
N GLN B 194 32.36 0.90 -49.97
CA GLN B 194 33.56 0.69 -49.15
C GLN B 194 34.22 2.02 -48.82
N ARG B 195 34.06 3.02 -49.66
CA ARG B 195 34.67 4.33 -49.48
C ARG B 195 33.82 5.27 -48.64
N LEU B 196 32.76 4.76 -48.01
CA LEU B 196 31.92 5.61 -47.17
C LEU B 196 32.71 6.11 -45.97
N PRO B 197 32.56 7.38 -45.57
CA PRO B 197 33.34 7.90 -44.45
C PRO B 197 32.86 7.33 -43.13
N SER B 198 33.78 7.26 -42.18
CA SER B 198 33.45 6.74 -40.86
C SER B 198 32.61 7.73 -40.07
N GLU B 199 32.89 9.02 -40.23
CA GLU B 199 32.16 10.07 -39.53
C GLU B 199 31.54 11.05 -40.53
N VAL B 200 30.34 11.52 -40.20
CA VAL B 200 29.69 12.59 -40.94
C VAL B 200 29.35 13.68 -39.94
N THR B 201 29.30 14.92 -40.43
CA THR B 201 29.09 16.07 -39.59
C THR B 201 27.76 16.74 -39.93
N VAL B 202 27.09 17.27 -38.91
CA VAL B 202 25.90 18.08 -39.10
C VAL B 202 26.16 19.46 -38.52
N ALA B 203 25.71 20.48 -39.24
CA ALA B 203 25.93 21.88 -38.89
C ALA B 203 24.58 22.45 -38.48
N LYS B 204 24.42 22.68 -37.18
CA LYS B 204 23.17 23.22 -36.69
C LYS B 204 23.13 24.73 -36.91
N PRO B 205 21.93 25.31 -36.95
CA PRO B 205 21.84 26.77 -37.09
C PRO B 205 22.51 27.47 -35.93
N ASN B 206 23.09 28.63 -36.21
CA ASN B 206 23.73 29.42 -35.17
C ASN B 206 22.73 29.69 -34.05
N VAL B 207 23.14 29.39 -32.82
CA VAL B 207 22.29 29.58 -31.66
C VAL B 207 22.91 30.71 -30.85
N LEU B 208 22.07 31.57 -30.32
CA LEU B 208 22.47 32.82 -29.70
C LEU B 208 22.30 32.73 -28.19
N ILE B 209 23.41 32.65 -27.47
CA ILE B 209 23.34 32.62 -26.01
C ILE B 209 23.00 34.03 -25.54
N ALA B 210 22.08 34.12 -24.58
CA ALA B 210 21.57 35.40 -24.12
C ALA B 210 22.09 35.70 -22.73
N LEU B 211 22.69 36.87 -22.57
CA LEU B 211 23.17 37.35 -21.29
C LEU B 211 22.21 38.45 -20.84
N LYS B 212 21.57 38.23 -19.71
CA LYS B 212 20.61 39.19 -19.18
C LYS B 212 21.30 40.15 -18.23
N MET B 213 20.79 41.37 -18.19
CA MET B 213 21.32 42.37 -17.27
C MET B 213 21.01 41.95 -15.84
N ILE B 214 22.07 41.82 -15.04
CA ILE B 214 21.95 41.35 -13.66
C ILE B 214 21.87 42.51 -12.69
N LYS B 215 22.77 43.48 -12.82
CA LYS B 215 22.78 44.67 -11.98
C LYS B 215 23.22 45.87 -12.78
N ARG B 216 22.69 47.03 -12.44
CA ARG B 216 23.06 48.31 -13.04
C ARG B 216 23.32 49.31 -11.93
N GLN B 217 24.35 50.14 -12.13
CA GLN B 217 24.68 51.20 -11.19
C GLN B 217 25.08 52.44 -11.98
N ALA B 218 24.49 53.57 -11.64
CA ALA B 218 24.71 54.81 -12.37
C ALA B 218 25.83 55.60 -11.72
N TYR B 219 26.88 55.90 -12.48
CA TYR B 219 28.00 56.69 -12.01
C TYR B 219 27.88 58.16 -12.37
N GLY B 220 26.82 58.56 -13.04
CA GLY B 220 26.67 59.95 -13.43
C GLY B 220 25.36 60.16 -14.17
N THR B 221 25.24 61.35 -14.76
CA THR B 221 24.02 61.69 -15.51
C THR B 221 23.85 60.79 -16.72
N ASN B 222 24.94 60.52 -17.44
CA ASN B 222 24.92 59.66 -18.63
C ASN B 222 26.04 58.64 -18.58
N SER B 223 26.41 58.21 -17.37
CA SER B 223 27.45 57.22 -17.19
C SER B 223 27.03 56.20 -16.15
N GLY B 224 27.44 54.95 -16.36
CA GLY B 224 27.10 53.90 -15.43
C GLY B 224 27.80 52.61 -15.79
N VAL B 225 27.45 51.55 -15.07
CA VAL B 225 28.00 50.22 -15.28
C VAL B 225 26.86 49.21 -15.32
N ALA B 226 27.00 48.20 -16.17
CA ALA B 226 26.03 47.11 -16.24
C ALA B 226 26.77 45.79 -16.35
N ILE B 227 26.15 44.73 -15.86
CA ILE B 227 26.69 43.38 -15.90
C ILE B 227 25.68 42.49 -16.61
N TYR B 228 26.17 41.65 -17.52
CA TYR B 228 25.32 40.71 -18.23
C TYR B 228 25.81 39.29 -17.97
N HIS B 229 24.87 38.38 -17.71
CA HIS B 229 25.25 37.03 -17.32
C HIS B 229 24.22 36.04 -17.84
N ARG B 230 24.66 34.79 -18.00
CA ARG B 230 23.78 33.69 -18.40
C ARG B 230 23.29 32.95 -17.15
N TYR B 231 21.97 32.75 -17.08
CA TYR B 231 21.34 32.11 -15.94
C TYR B 231 21.50 30.59 -16.02
N LYS B 232 21.34 29.93 -14.86
CA LYS B 232 21.49 28.49 -14.77
C LYS B 232 20.32 27.73 -15.39
N ALA B 233 19.19 28.39 -15.57
CA ALA B 233 18.01 27.76 -16.18
C ALA B 233 17.10 28.79 -16.82
N SER B 240 9.37 25.69 -21.51
CA SER B 240 8.14 26.19 -22.15
C SER B 240 7.04 25.14 -22.10
N HIS B 241 7.37 23.93 -22.57
CA HIS B 241 6.43 22.82 -22.53
C HIS B 241 6.12 22.38 -21.10
N ASN B 242 7.14 22.38 -20.23
CA ASN B 242 6.96 21.86 -18.88
C ASN B 242 6.05 22.76 -18.04
N VAL B 243 5.51 22.17 -16.98
CA VAL B 243 4.64 22.87 -16.03
C VAL B 243 5.52 23.44 -14.94
N TYR B 244 5.63 24.77 -14.87
CA TYR B 244 6.52 25.41 -13.91
C TYR B 244 5.74 25.71 -12.64
N ILE B 245 6.19 25.13 -11.53
CA ILE B 245 5.51 25.21 -10.24
C ILE B 245 6.35 26.05 -9.30
N THR B 246 5.70 27.01 -8.63
CA THR B 246 6.31 27.84 -7.61
C THR B 246 5.44 27.80 -6.36
N ALA B 247 6.03 28.16 -5.23
CA ALA B 247 5.30 28.20 -3.98
C ALA B 247 4.53 29.52 -3.86
N ASP B 248 3.49 29.50 -3.01
CA ASP B 248 2.66 30.68 -2.77
C ASP B 248 2.44 30.70 -1.25
N LYS B 249 3.42 31.26 -0.54
CA LYS B 249 3.41 31.20 0.91
C LYS B 249 2.23 31.98 1.50
N GLN B 250 1.92 33.14 0.91
CA GLN B 250 0.85 33.98 1.45
C GLN B 250 -0.49 33.24 1.42
N LYS B 251 -0.74 32.45 0.39
CA LYS B 251 -1.93 31.60 0.32
C LYS B 251 -1.67 30.18 0.80
N ASN B 252 -0.44 29.87 1.22
CA ASN B 252 -0.09 28.55 1.77
C ASN B 252 -0.36 27.43 0.76
N GLY B 253 0.01 27.66 -0.49
CA GLY B 253 -0.22 26.70 -1.56
C GLY B 253 0.84 26.80 -2.63
N ILE B 254 0.45 26.51 -3.87
CA ILE B 254 1.35 26.59 -5.01
C ILE B 254 0.65 27.28 -6.17
N LYS B 255 1.44 27.88 -7.06
CA LYS B 255 0.97 28.47 -8.29
C LYS B 255 1.80 27.93 -9.45
N ALA B 256 1.14 27.53 -10.53
CA ALA B 256 1.82 26.93 -11.66
C ALA B 256 1.42 27.64 -12.96
N ASN B 257 2.38 27.72 -13.87
CA ASN B 257 2.18 28.29 -15.19
C ASN B 257 2.69 27.35 -16.26
N PHE B 258 1.99 27.30 -17.39
CA PHE B 258 2.56 26.66 -18.58
C PHE B 258 1.71 27.01 -19.80
N LYS B 259 2.19 26.56 -20.95
CA LYS B 259 1.53 26.76 -22.24
C LYS B 259 1.46 25.43 -22.97
N ILE B 260 0.34 25.18 -23.64
CA ILE B 260 0.12 23.95 -24.38
C ILE B 260 -0.20 24.30 -25.82
N ARG B 261 0.52 23.69 -26.76
CA ARG B 261 0.36 23.96 -28.18
C ARG B 261 -0.40 22.80 -28.80
N HIS B 262 -1.74 22.92 -28.81
CA HIS B 262 -2.56 21.89 -29.42
C HIS B 262 -2.41 21.93 -30.95
N ASN B 263 -2.25 20.75 -31.54
CA ASN B 263 -2.13 20.67 -33.00
C ASN B 263 -3.49 20.94 -33.65
N VAL B 264 -3.54 21.97 -34.48
CA VAL B 264 -4.74 22.23 -35.27
C VAL B 264 -4.68 21.41 -36.54
N GLU B 265 -5.85 21.02 -37.05
CA GLU B 265 -5.90 20.07 -38.14
C GLU B 265 -5.27 20.62 -39.42
N ASP B 266 -5.38 21.93 -39.65
CA ASP B 266 -4.88 22.53 -40.87
C ASP B 266 -3.37 22.76 -40.87
N GLY B 267 -2.68 22.39 -39.79
CA GLY B 267 -1.25 22.55 -39.69
C GLY B 267 -0.81 23.56 -38.63
N SER B 268 -1.69 24.48 -38.24
CA SER B 268 -1.36 25.46 -37.22
C SER B 268 -1.42 24.83 -35.84
N VAL B 269 -1.17 25.66 -34.81
CA VAL B 269 -1.32 25.23 -33.42
C VAL B 269 -2.13 26.27 -32.66
N GLN B 270 -3.01 25.79 -31.78
CA GLN B 270 -3.79 26.62 -30.88
C GLN B 270 -3.09 26.67 -29.53
N LEU B 271 -2.88 27.89 -29.02
CA LEU B 271 -2.22 28.08 -27.74
C LEU B 271 -3.23 27.98 -26.60
N ALA B 272 -2.81 27.35 -25.51
CA ALA B 272 -3.59 27.28 -24.28
C ALA B 272 -2.68 27.72 -23.14
N ASP B 273 -2.93 28.91 -22.62
CA ASP B 273 -2.17 29.47 -21.51
C ASP B 273 -2.83 28.97 -20.23
N HIS B 274 -2.15 28.04 -19.55
CA HIS B 274 -2.63 27.51 -18.28
C HIS B 274 -2.02 28.32 -17.14
N TYR B 275 -2.88 28.97 -16.35
CA TYR B 275 -2.48 29.56 -15.07
C TYR B 275 -3.30 28.90 -13.98
N GLN B 276 -2.62 28.23 -13.05
CA GLN B 276 -3.32 27.44 -12.04
C GLN B 276 -2.77 27.74 -10.65
N GLN B 277 -3.59 27.44 -9.65
CA GLN B 277 -3.18 27.55 -8.27
C GLN B 277 -3.84 26.44 -7.46
N ASN B 278 -3.05 25.77 -6.62
CA ASN B 278 -3.54 24.70 -5.77
C ASN B 278 -3.37 25.11 -4.32
N THR B 279 -4.41 24.87 -3.52
CA THR B 279 -4.34 25.14 -2.09
C THR B 279 -4.89 23.95 -1.31
N PRO B 280 -4.30 23.62 -0.17
CA PRO B 280 -4.72 22.41 0.54
C PRO B 280 -6.15 22.51 1.05
N ILE B 281 -6.83 21.36 1.06
CA ILE B 281 -8.23 21.32 1.48
C ILE B 281 -8.34 21.48 2.99
N GLY B 282 -7.52 20.76 3.74
CA GLY B 282 -7.62 20.79 5.19
C GLY B 282 -6.42 21.36 5.89
N ASP B 283 -6.60 21.77 7.14
CA ASP B 283 -5.50 22.28 7.94
C ASP B 283 -4.43 21.20 8.14
N GLY B 284 -3.20 21.50 7.75
CA GLY B 284 -2.12 20.57 7.90
C GLY B 284 -0.80 21.12 7.41
N PRO B 285 0.30 20.46 7.77
CA PRO B 285 1.61 20.94 7.33
C PRO B 285 1.95 20.44 5.94
N VAL B 286 1.61 21.24 4.93
CA VAL B 286 1.95 20.89 3.55
C VAL B 286 3.39 21.29 3.25
N LEU B 287 3.95 20.68 2.22
CA LEU B 287 5.32 20.98 1.79
C LEU B 287 5.29 22.19 0.87
N LEU B 288 5.96 23.27 1.28
CA LEU B 288 6.07 24.46 0.46
C LEU B 288 7.27 24.29 -0.46
N PRO B 289 7.07 24.02 -1.75
CA PRO B 289 8.19 23.59 -2.59
C PRO B 289 9.02 24.76 -3.09
N ASP B 290 10.26 24.43 -3.44
CA ASP B 290 11.08 25.35 -4.20
C ASP B 290 10.56 25.41 -5.63
N ASN B 291 11.06 26.39 -6.39
CA ASN B 291 10.72 26.46 -7.80
C ASN B 291 11.18 25.20 -8.50
N HIS B 292 10.26 24.55 -9.21
CA HIS B 292 10.62 23.36 -9.96
C HIS B 292 9.65 23.24 -11.13
N TYR B 293 9.70 22.10 -11.82
CA TYR B 293 8.80 21.90 -12.93
C TYR B 293 8.51 20.42 -13.12
N LEU B 294 7.39 20.16 -13.77
CA LEU B 294 6.98 18.82 -14.13
C LEU B 294 7.06 18.66 -15.65
N SER B 295 7.77 17.62 -16.09
CA SER B 295 7.81 17.20 -17.48
C SER B 295 6.78 16.09 -17.67
N THR B 296 5.88 16.29 -18.63
CA THR B 296 4.75 15.40 -18.84
C THR B 296 4.77 14.86 -20.26
N GLN B 297 4.48 13.56 -20.39
CA GLN B 297 4.32 12.91 -21.69
C GLN B 297 3.02 12.14 -21.66
N SER B 298 2.14 12.41 -22.62
CA SER B 298 0.80 11.83 -22.65
C SER B 298 0.56 11.18 -24.00
N VAL B 299 -0.25 10.11 -23.95
CA VAL B 299 -0.62 9.34 -25.13
C VAL B 299 -2.13 9.16 -25.11
N LEU B 300 -2.80 9.62 -26.17
CA LEU B 300 -4.25 9.56 -26.32
C LEU B 300 -4.61 8.49 -27.34
N SER B 301 -5.46 7.57 -26.95
CA SER B 301 -5.93 6.52 -27.84
C SER B 301 -7.44 6.36 -27.68
N LYS B 302 -8.01 5.41 -28.42
CA LYS B 302 -9.43 5.13 -28.32
C LYS B 302 -9.68 3.64 -28.35
N ASP B 303 -10.68 3.21 -27.61
CA ASP B 303 -11.12 1.83 -27.60
C ASP B 303 -11.88 1.54 -28.89
N PRO B 304 -11.39 0.66 -29.76
CA PRO B 304 -12.07 0.44 -31.05
C PRO B 304 -13.48 -0.10 -30.89
N ASN B 305 -13.75 -0.89 -29.84
CA ASN B 305 -15.07 -1.46 -29.61
C ASN B 305 -15.98 -0.56 -28.78
N GLU B 306 -15.54 0.65 -28.46
CA GLU B 306 -16.36 1.58 -27.68
C GLU B 306 -17.18 2.48 -28.60
N LYS B 307 -18.41 2.77 -28.18
CA LYS B 307 -19.33 3.57 -28.98
C LYS B 307 -19.50 4.99 -28.46
N ARG B 308 -19.45 5.20 -27.15
CA ARG B 308 -19.59 6.53 -26.59
C ARG B 308 -18.34 7.37 -26.85
N ASP B 309 -18.54 8.67 -26.94
CA ASP B 309 -17.43 9.60 -27.15
C ASP B 309 -16.47 9.49 -25.97
N HIS B 310 -15.27 8.97 -26.21
CA HIS B 310 -14.40 8.56 -25.12
C HIS B 310 -12.96 8.92 -25.44
N MET B 311 -12.11 8.76 -24.44
CA MET B 311 -10.68 8.99 -24.58
C MET B 311 -9.93 8.06 -23.63
N VAL B 312 -8.91 7.39 -24.13
CA VAL B 312 -8.06 6.53 -23.30
C VAL B 312 -6.73 7.26 -23.13
N LEU B 313 -6.38 7.56 -21.89
CA LEU B 313 -5.22 8.39 -21.60
C LEU B 313 -4.17 7.60 -20.84
N LEU B 314 -2.93 7.66 -21.33
CA LEU B 314 -1.76 7.15 -20.61
C LEU B 314 -0.80 8.31 -20.40
N GLU B 315 -0.38 8.53 -19.16
CA GLU B 315 0.36 9.75 -18.85
C GLU B 315 1.50 9.47 -17.88
N PHE B 316 2.64 10.10 -18.13
CA PHE B 316 3.82 9.97 -17.29
C PHE B 316 4.35 11.35 -16.95
N VAL B 317 4.42 11.67 -15.66
CA VAL B 317 4.88 12.97 -15.18
C VAL B 317 6.09 12.75 -14.27
N THR B 318 7.11 13.59 -14.44
CA THR B 318 8.30 13.56 -13.60
C THR B 318 8.63 14.98 -13.16
N ALA B 319 9.39 15.10 -12.08
CA ALA B 319 9.73 16.40 -11.50
C ALA B 319 11.21 16.70 -11.69
N ALA B 320 11.55 17.98 -11.59
CA ALA B 320 12.93 18.45 -11.74
C ALA B 320 13.11 19.85 -11.17
#